data_6M2D
#
_entry.id   6M2D
#
_cell.length_a   59.226
_cell.length_b   66.593
_cell.length_c   68.271
_cell.angle_alpha   90.000
_cell.angle_beta   90.000
_cell.angle_gamma   90.000
#
_symmetry.space_group_name_H-M   'P 21 21 21'
#
loop_
_entity.id
_entity.type
_entity.pdbx_description
1 polymer 'Mitochondrial ubiquitin ligase activator of NFKB 1'
2 non-polymer 'ZINC ION'
3 non-polymer 'SULFATE ION'
4 water water
#
_entity_poly.entity_id   1
_entity_poly.type   'polypeptide(L)'
_entity_poly.pdbx_seq_one_letter_code
;GSLKSACVVCLSSFKSCVFLECGHVCSCTECYRALPEPKKCPICRQAITRVIPLYNS
;
_entity_poly.pdbx_strand_id   A,B,C,D,E,F
#
loop_
_chem_comp.id
_chem_comp.type
_chem_comp.name
_chem_comp.formula
SO4 non-polymer 'SULFATE ION' 'O4 S -2'
ZN non-polymer 'ZINC ION' 'Zn 2'
#
# COMPACT_ATOMS: atom_id res chain seq x y z
N GLY A 1 -24.23 0.57 13.18
CA GLY A 1 -23.17 -0.44 13.07
C GLY A 1 -22.62 -0.57 11.66
N SER A 2 -22.51 0.57 10.97
CA SER A 2 -22.15 0.54 9.54
C SER A 2 -20.77 -0.07 9.31
N LEU A 3 -19.84 0.06 10.27
CA LEU A 3 -18.58 -0.67 10.15
C LEU A 3 -18.84 -2.17 10.04
N LYS A 4 -19.83 -2.65 10.79
CA LYS A 4 -20.13 -4.09 10.76
C LYS A 4 -21.05 -4.45 9.59
N SER A 5 -22.00 -3.57 9.24
CA SER A 5 -23.10 -3.96 8.36
C SER A 5 -23.09 -3.33 6.98
N ALA A 6 -22.36 -2.25 6.75
CA ALA A 6 -22.36 -1.62 5.43
C ALA A 6 -21.29 -2.25 4.52
N CYS A 7 -21.65 -2.43 3.25
CA CYS A 7 -20.70 -2.88 2.25
C CYS A 7 -19.44 -2.02 2.28
N VAL A 8 -18.28 -2.67 2.38
CA VAL A 8 -17.02 -1.95 2.54
C VAL A 8 -16.56 -1.24 1.29
N VAL A 9 -17.22 -1.46 0.16
CA VAL A 9 -16.85 -0.88 -1.12
C VAL A 9 -17.66 0.38 -1.42
N CYS A 10 -18.99 0.28 -1.39
CA CYS A 10 -19.83 1.44 -1.66
C CYS A 10 -20.23 2.20 -0.41
N LEU A 11 -20.26 1.53 0.75
CA LEU A 11 -20.80 2.10 1.99
C LEU A 11 -22.26 2.53 1.86
N SER A 12 -23.00 1.96 0.90
CA SER A 12 -24.36 2.37 0.63
C SER A 12 -25.37 1.25 0.69
N SER A 13 -24.96 0.00 0.49
CA SER A 13 -25.81 -1.16 0.66
C SER A 13 -25.26 -2.00 1.80
N PHE A 14 -26.15 -2.78 2.42
CA PHE A 14 -25.74 -3.72 3.45
C PHE A 14 -24.96 -4.86 2.84
N LYS A 15 -24.04 -5.42 3.63
CA LYS A 15 -23.31 -6.62 3.22
C LYS A 15 -24.30 -7.76 2.95
N SER A 16 -24.04 -8.51 1.89
CA SER A 16 -25.01 -9.51 1.47
C SER A 16 -24.36 -10.73 0.85
N CYS A 17 -23.03 -10.78 0.71
CA CYS A 17 -22.31 -11.83 0.03
C CYS A 17 -21.29 -12.47 0.96
N VAL A 18 -21.09 -13.78 0.78
CA VAL A 18 -19.94 -14.49 1.34
C VAL A 18 -19.00 -14.81 0.19
N PHE A 19 -17.74 -14.45 0.33
CA PHE A 19 -16.74 -14.72 -0.68
C PHE A 19 -16.02 -16.02 -0.33
N LEU A 20 -15.89 -16.92 -1.30
CA LEU A 20 -15.13 -18.15 -1.16
C LEU A 20 -13.88 -18.06 -2.01
N GLU A 21 -12.75 -18.56 -1.49
CA GLU A 21 -12.69 -19.39 -0.30
C GLU A 21 -12.36 -18.63 0.97
N CYS A 22 -12.05 -17.34 0.86
CA CYS A 22 -11.55 -16.64 2.03
C CYS A 22 -12.59 -16.55 3.13
N GLY A 23 -13.88 -16.61 2.79
CA GLY A 23 -14.93 -16.60 3.78
C GLY A 23 -15.41 -15.23 4.23
N HIS A 24 -14.87 -14.16 3.68
CA HIS A 24 -15.17 -12.84 4.19
C HIS A 24 -16.55 -12.36 3.72
N VAL A 25 -17.26 -11.69 4.62
CA VAL A 25 -18.55 -11.07 4.35
C VAL A 25 -18.30 -9.56 4.36
N CYS A 26 -18.07 -8.97 3.20
CA CYS A 26 -17.76 -7.55 3.18
C CYS A 26 -18.49 -6.75 2.12
N SER A 27 -19.26 -7.36 1.21
CA SER A 27 -19.70 -6.62 0.04
C SER A 27 -21.18 -6.89 -0.26
N CYS A 28 -21.82 -5.89 -0.88
CA CYS A 28 -23.12 -6.11 -1.47
C CYS A 28 -22.95 -6.77 -2.84
N THR A 29 -24.08 -7.17 -3.44
CA THR A 29 -23.99 -7.92 -4.69
C THR A 29 -23.57 -7.01 -5.86
N GLU A 30 -24.06 -5.77 -5.88
CA GLU A 30 -23.72 -4.87 -6.99
C GLU A 30 -22.23 -4.58 -7.02
N CYS A 31 -21.62 -4.40 -5.85
CA CYS A 31 -20.19 -4.08 -5.82
C CYS A 31 -19.37 -5.29 -6.25
N TYR A 32 -19.79 -6.51 -5.88
CA TYR A 32 -19.09 -7.69 -6.36
C TYR A 32 -19.07 -7.73 -7.88
N ARG A 33 -20.23 -7.55 -8.51
CA ARG A 33 -20.29 -7.55 -9.97
C ARG A 33 -19.38 -6.46 -10.55
N ALA A 34 -19.30 -5.31 -9.89
CA ALA A 34 -18.52 -4.20 -10.40
C ALA A 34 -17.02 -4.35 -10.17
N LEU A 35 -16.59 -5.34 -9.38
CA LEU A 35 -15.18 -5.46 -9.06
C LEU A 35 -14.37 -5.65 -10.34
N PRO A 36 -13.20 -5.03 -10.45
CA PRO A 36 -12.38 -5.23 -11.64
C PRO A 36 -11.76 -6.62 -11.66
N GLU A 37 -11.48 -7.10 -12.85
CA GLU A 37 -10.91 -8.42 -12.98
C GLU A 37 -9.40 -8.39 -12.85
N PRO A 38 -8.79 -9.43 -12.26
CA PRO A 38 -9.46 -10.58 -11.65
C PRO A 38 -10.03 -10.22 -10.29
N LYS A 39 -11.25 -10.67 -10.01
CA LYS A 39 -11.97 -10.23 -8.82
C LYS A 39 -11.26 -10.69 -7.56
N LYS A 40 -10.96 -9.73 -6.68
CA LYS A 40 -10.26 -10.01 -5.43
C LYS A 40 -11.06 -9.47 -4.26
N CYS A 41 -10.94 -10.16 -3.13
CA CYS A 41 -11.69 -9.78 -1.94
C CYS A 41 -11.20 -8.42 -1.44
N PRO A 42 -12.11 -7.46 -1.21
CA PRO A 42 -11.67 -6.16 -0.68
C PRO A 42 -10.93 -6.26 0.65
N ILE A 43 -11.18 -7.30 1.45
CA ILE A 43 -10.58 -7.39 2.78
C ILE A 43 -9.18 -7.98 2.70
N CYS A 44 -9.06 -9.15 2.08
CA CYS A 44 -7.83 -9.91 2.16
C CYS A 44 -7.08 -9.99 0.83
N ARG A 45 -7.69 -9.52 -0.25
CA ARG A 45 -7.16 -9.47 -1.61
C ARG A 45 -7.00 -10.84 -2.26
N GLN A 46 -7.54 -11.89 -1.66
CA GLN A 46 -7.55 -13.19 -2.32
C GLN A 46 -8.53 -13.19 -3.49
N ALA A 47 -8.21 -13.99 -4.50
CA ALA A 47 -9.14 -14.21 -5.58
C ALA A 47 -10.47 -14.76 -5.06
N ILE A 48 -11.56 -14.25 -5.59
CA ILE A 48 -12.89 -14.74 -5.24
C ILE A 48 -13.25 -15.81 -6.26
N THR A 49 -13.28 -17.07 -5.82
CA THR A 49 -13.64 -18.16 -6.72
C THR A 49 -15.15 -18.33 -6.84
N ARG A 50 -15.91 -17.95 -5.81
CA ARG A 50 -17.35 -18.16 -5.82
C ARG A 50 -17.99 -17.19 -4.84
N VAL A 51 -19.20 -16.73 -5.18
CA VAL A 51 -20.00 -15.90 -4.29
C VAL A 51 -21.24 -16.67 -3.89
N ILE A 52 -21.55 -16.67 -2.59
CA ILE A 52 -22.82 -17.23 -2.12
C ILE A 52 -23.53 -16.20 -1.24
N PRO A 53 -24.86 -16.21 -1.20
CA PRO A 53 -25.58 -15.22 -0.40
C PRO A 53 -25.36 -15.41 1.09
N LEU A 54 -25.23 -14.28 1.78
CA LEU A 54 -25.26 -14.32 3.24
C LEU A 54 -26.60 -14.82 3.75
N TYR A 55 -27.69 -14.44 3.08
CA TYR A 55 -28.99 -15.05 3.32
C TYR A 55 -29.00 -16.47 2.76
N ASN A 56 -29.10 -17.46 3.63
CA ASN A 56 -28.94 -18.85 3.19
C ASN A 56 -29.90 -19.17 2.06
N SER A 57 -29.36 -19.68 0.95
CA SER A 57 -30.20 -20.15 -0.14
C SER A 57 -30.81 -21.50 0.24
N GLY B 1 11.59 2.57 17.65
CA GLY B 1 11.70 3.90 18.24
C GLY B 1 11.32 5.02 17.30
N SER B 2 12.18 5.30 16.31
CA SER B 2 11.88 6.33 15.33
C SER B 2 10.91 5.82 14.27
N LEU B 3 9.84 6.58 14.01
CA LEU B 3 8.88 6.17 12.99
C LEU B 3 9.51 6.15 11.60
N LYS B 4 10.58 6.92 11.39
CA LYS B 4 11.30 6.85 10.12
C LYS B 4 11.95 5.48 9.94
N SER B 5 12.67 5.00 10.97
CA SER B 5 13.34 3.72 10.91
C SER B 5 12.39 2.55 11.06
N ALA B 6 11.31 2.73 11.82
CA ALA B 6 10.59 1.58 12.35
C ALA B 6 9.82 0.84 11.27
N CYS B 7 9.72 -0.47 11.45
CA CYS B 7 8.74 -1.29 10.76
C CYS B 7 7.37 -0.62 10.79
N VAL B 8 6.72 -0.54 9.63
CA VAL B 8 5.46 0.20 9.59
C VAL B 8 4.31 -0.56 10.23
N VAL B 9 4.53 -1.82 10.65
CA VAL B 9 3.48 -2.62 11.25
C VAL B 9 3.57 -2.56 12.77
N CYS B 10 4.73 -2.92 13.33
CA CYS B 10 4.84 -2.87 14.78
C CYS B 10 5.34 -1.52 15.29
N LEU B 11 5.89 -0.67 14.41
CA LEU B 11 6.33 0.69 14.78
C LEU B 11 7.45 0.66 15.81
N SER B 12 8.22 -0.42 15.84
CA SER B 12 9.19 -0.63 16.92
C SER B 12 10.49 -1.22 16.39
N SER B 13 10.42 -2.39 15.76
CA SER B 13 11.60 -3.05 15.25
C SER B 13 12.09 -2.39 13.97
N PHE B 14 13.39 -2.56 13.71
CA PHE B 14 13.95 -2.12 12.45
C PHE B 14 13.44 -2.99 11.31
N LYS B 15 13.32 -2.37 10.12
CA LYS B 15 12.98 -3.11 8.92
C LYS B 15 14.13 -4.05 8.59
N SER B 16 13.78 -5.23 8.05
CA SER B 16 14.76 -6.28 7.84
C SER B 16 14.81 -6.84 6.43
N CYS B 17 13.82 -6.56 5.58
CA CYS B 17 13.78 -7.22 4.29
C CYS B 17 12.99 -6.36 3.31
N VAL B 18 13.08 -6.74 2.04
CA VAL B 18 12.31 -6.11 0.98
C VAL B 18 11.23 -7.08 0.55
N PHE B 19 10.04 -6.54 0.27
CA PHE B 19 8.94 -7.31 -0.28
C PHE B 19 8.95 -7.18 -1.79
N LEU B 20 8.85 -8.30 -2.48
CA LEU B 20 8.76 -8.35 -3.93
C LEU B 20 7.43 -8.99 -4.31
N GLU B 21 6.83 -8.56 -5.42
CA GLU B 21 7.45 -7.71 -6.44
C GLU B 21 7.48 -6.21 -6.22
N CYS B 22 6.71 -5.72 -5.25
CA CYS B 22 6.50 -4.27 -5.20
C CYS B 22 7.77 -3.51 -4.83
N GLY B 23 8.67 -4.14 -4.09
CA GLY B 23 9.91 -3.50 -3.69
C GLY B 23 9.83 -2.66 -2.44
N HIS B 24 8.75 -2.73 -1.69
CA HIS B 24 8.60 -1.93 -0.49
C HIS B 24 9.43 -2.51 0.65
N VAL B 25 10.25 -1.65 1.26
CA VAL B 25 11.03 -2.01 2.44
C VAL B 25 10.28 -1.41 3.62
N CYS B 26 9.47 -2.22 4.28
CA CYS B 26 8.58 -1.67 5.28
C CYS B 26 8.47 -2.47 6.57
N SER B 27 9.01 -3.68 6.68
CA SER B 27 8.63 -4.57 7.77
C SER B 27 9.84 -5.23 8.41
N CYS B 28 9.70 -5.54 9.70
CA CYS B 28 10.61 -6.47 10.35
C CYS B 28 10.24 -7.90 9.97
N THR B 29 11.00 -8.88 10.47
CA THR B 29 10.71 -10.26 10.11
C THR B 29 9.48 -10.80 10.83
N GLU B 30 9.31 -10.47 12.11
CA GLU B 30 8.18 -11.05 12.84
C GLU B 30 6.85 -10.54 12.32
N CYS B 31 6.79 -9.28 11.88
CA CYS B 31 5.53 -8.75 11.34
C CYS B 31 5.21 -9.38 10.00
N TYR B 32 6.23 -9.77 9.24
CA TYR B 32 5.99 -10.53 8.02
C TYR B 32 5.40 -11.91 8.35
N ARG B 33 6.01 -12.61 9.30
CA ARG B 33 5.47 -13.92 9.70
C ARG B 33 4.02 -13.82 10.13
N ALA B 34 3.62 -12.69 10.71
CA ALA B 34 2.27 -12.55 11.22
C ALA B 34 1.25 -12.21 10.15
N LEU B 35 1.68 -11.72 8.98
CA LEU B 35 0.72 -11.41 7.92
C LEU B 35 -0.11 -12.65 7.60
N PRO B 36 -1.43 -12.54 7.49
CA PRO B 36 -2.24 -13.69 7.11
C PRO B 36 -1.87 -14.15 5.71
N GLU B 37 -2.00 -15.45 5.47
CA GLU B 37 -1.62 -16.03 4.18
C GLU B 37 -2.85 -16.12 3.26
N PRO B 38 -2.71 -15.87 1.95
CA PRO B 38 -1.47 -15.46 1.30
C PRO B 38 -1.12 -14.00 1.60
N LYS B 39 0.16 -13.76 1.86
CA LYS B 39 0.60 -12.52 2.48
C LYS B 39 0.59 -11.37 1.48
N LYS B 40 0.11 -10.22 1.94
CA LYS B 40 0.02 -9.01 1.15
C LYS B 40 0.85 -7.90 1.80
N CYS B 41 1.40 -7.02 0.96
CA CYS B 41 2.25 -5.95 1.45
C CYS B 41 1.44 -4.93 2.26
N PRO B 42 1.92 -4.52 3.44
CA PRO B 42 1.15 -3.53 4.22
C PRO B 42 1.05 -2.16 3.56
N ILE B 43 1.93 -1.82 2.62
CA ILE B 43 1.89 -0.52 1.94
C ILE B 43 0.93 -0.58 0.75
N CYS B 44 1.22 -1.44 -0.21
CA CYS B 44 0.47 -1.45 -1.46
C CYS B 44 -0.51 -2.61 -1.58
N ARG B 45 -0.38 -3.61 -0.71
CA ARG B 45 -1.24 -4.79 -0.60
C ARG B 45 -1.21 -5.69 -1.81
N GLN B 46 -0.23 -5.52 -2.67
CA GLN B 46 0.04 -6.54 -3.66
C GLN B 46 0.61 -7.79 -2.98
N ALA B 47 0.56 -8.90 -3.71
CA ALA B 47 1.05 -10.16 -3.19
C ALA B 47 2.54 -10.10 -2.92
N ILE B 48 2.96 -10.63 -1.77
CA ILE B 48 4.38 -10.80 -1.47
C ILE B 48 4.78 -12.18 -1.97
N THR B 49 5.53 -12.21 -3.07
CA THR B 49 5.94 -13.47 -3.67
C THR B 49 7.39 -13.79 -3.42
N ARG B 50 8.18 -12.84 -2.93
CA ARG B 50 9.56 -13.06 -2.55
C ARG B 50 9.90 -12.08 -1.43
N VAL B 51 10.84 -12.48 -0.58
CA VAL B 51 11.35 -11.64 0.50
C VAL B 51 12.87 -11.71 0.45
N ILE B 52 13.53 -10.57 0.31
CA ILE B 52 14.98 -10.51 0.24
C ILE B 52 15.48 -9.75 1.48
N PRO B 53 16.31 -10.35 2.33
CA PRO B 53 16.80 -9.60 3.50
C PRO B 53 17.69 -8.45 3.06
N LEU B 54 17.66 -7.37 3.87
CA LEU B 54 18.52 -6.22 3.60
C LEU B 54 19.98 -6.54 3.85
N TYR B 55 20.27 -7.48 4.75
CA TYR B 55 21.64 -7.82 5.08
C TYR B 55 22.30 -8.46 3.87
N ASN B 56 23.41 -7.87 3.43
CA ASN B 56 24.13 -8.34 2.24
C ASN B 56 25.38 -9.06 2.72
N SER B 57 25.38 -10.38 2.59
CA SER B 57 26.58 -11.16 2.87
C SER B 57 26.75 -12.25 1.81
N GLY C 1 -10.86 12.77 30.53
CA GLY C 1 -11.02 12.97 29.09
C GLY C 1 -12.19 12.20 28.55
N SER C 2 -12.70 12.59 27.40
CA SER C 2 -13.84 11.89 26.82
C SER C 2 -13.40 10.54 26.28
N LEU C 3 -14.13 9.49 26.64
CA LEU C 3 -13.81 8.16 26.17
C LEU C 3 -14.13 7.97 24.69
N LYS C 4 -14.85 8.92 24.06
CA LYS C 4 -15.03 8.83 22.62
C LYS C 4 -13.68 8.93 21.91
N SER C 5 -12.83 9.87 22.35
CA SER C 5 -11.57 10.12 21.66
C SER C 5 -10.36 9.60 22.42
N ALA C 6 -10.52 9.12 23.64
CA ALA C 6 -9.40 8.67 24.44
C ALA C 6 -8.91 7.31 23.97
N CYS C 7 -7.59 7.13 23.98
CA CYS C 7 -7.03 5.79 23.79
C CYS C 7 -7.68 4.82 24.77
N VAL C 8 -8.19 3.70 24.25
CA VAL C 8 -8.93 2.76 25.10
C VAL C 8 -8.05 2.05 26.11
N VAL C 9 -6.73 2.17 26.01
CA VAL C 9 -5.83 1.53 26.97
C VAL C 9 -5.48 2.50 28.10
N CYS C 10 -4.75 3.58 27.77
CA CYS C 10 -4.26 4.49 28.80
C CYS C 10 -5.29 5.52 29.22
N LEU C 11 -6.25 5.83 28.35
CA LEU C 11 -7.31 6.80 28.59
C LEU C 11 -6.83 8.24 28.66
N SER C 12 -5.53 8.47 28.85
CA SER C 12 -5.00 9.83 28.96
C SER C 12 -4.60 10.42 27.61
N SER C 13 -4.18 9.59 26.65
CA SER C 13 -3.84 10.08 25.33
C SER C 13 -5.00 9.84 24.36
N PHE C 14 -4.88 10.46 23.19
CA PHE C 14 -5.93 10.39 22.18
C PHE C 14 -5.68 9.25 21.19
N LYS C 15 -6.77 8.71 20.66
CA LYS C 15 -6.68 7.76 19.55
C LYS C 15 -5.96 8.39 18.37
N SER C 16 -5.07 7.60 17.75
CA SER C 16 -4.24 8.13 16.67
C SER C 16 -3.96 7.15 15.53
N CYS C 17 -4.39 5.88 15.65
CA CYS C 17 -4.03 4.80 14.73
C CYS C 17 -5.31 4.14 14.23
N VAL C 18 -5.26 3.62 13.00
CA VAL C 18 -6.27 2.67 12.50
C VAL C 18 -5.63 1.29 12.52
N PHE C 19 -6.28 0.33 13.20
CA PHE C 19 -5.83 -1.06 13.18
C PHE C 19 -6.47 -1.79 12.01
N LEU C 20 -5.69 -2.61 11.32
CA LEU C 20 -6.16 -3.38 10.18
C LEU C 20 -5.88 -4.86 10.41
N GLU C 21 -6.70 -5.75 9.84
CA GLU C 21 -7.78 -5.43 8.91
C GLU C 21 -9.12 -5.11 9.53
N CYS C 22 -9.25 -5.15 10.86
CA CYS C 22 -10.56 -5.00 11.45
C CYS C 22 -11.12 -3.59 11.24
N GLY C 23 -10.25 -2.58 11.17
CA GLY C 23 -10.68 -1.22 10.92
C GLY C 23 -10.93 -0.38 12.17
N HIS C 24 -10.66 -0.90 13.36
CA HIS C 24 -10.98 -0.16 14.58
C HIS C 24 -9.93 0.91 14.88
N VAL C 25 -10.40 2.04 15.38
CA VAL C 25 -9.57 3.17 15.79
C VAL C 25 -9.71 3.27 17.30
N CYS C 26 -8.71 2.82 18.04
CA CYS C 26 -8.90 2.79 19.49
C CYS C 26 -7.68 3.14 20.33
N SER C 27 -6.48 3.30 19.77
CA SER C 27 -5.27 3.34 20.56
C SER C 27 -4.36 4.49 20.17
N CYS C 28 -3.57 4.99 21.13
CA CYS C 28 -2.45 5.85 20.82
C CYS C 28 -1.30 4.99 20.31
N THR C 29 -0.18 5.63 19.92
CA THR C 29 0.93 4.86 19.38
C THR C 29 1.63 4.05 20.47
N GLU C 30 1.89 4.69 21.61
CA GLU C 30 2.66 4.04 22.66
C GLU C 30 1.93 2.83 23.22
N CYS C 31 0.61 2.94 23.37
CA CYS C 31 -0.15 1.80 23.89
C CYS C 31 -0.22 0.68 22.88
N TYR C 32 -0.20 0.99 21.59
CA TYR C 32 -0.14 -0.07 20.59
C TYR C 32 1.19 -0.82 20.68
N ARG C 33 2.31 -0.08 20.81
CA ARG C 33 3.61 -0.71 21.00
C ARG C 33 3.64 -1.65 22.19
N ALA C 34 2.91 -1.32 23.26
CA ALA C 34 2.94 -2.11 24.48
C ALA C 34 2.09 -3.38 24.42
N LEU C 35 1.23 -3.54 23.41
CA LEU C 35 0.39 -4.71 23.36
C LEU C 35 1.24 -5.97 23.22
N PRO C 36 0.92 -7.04 23.94
CA PRO C 36 1.72 -8.26 23.85
C PRO C 36 1.54 -8.95 22.50
N GLU C 37 2.45 -9.88 22.22
CA GLU C 37 2.36 -10.65 21.00
C GLU C 37 1.56 -11.94 21.22
N PRO C 38 0.74 -12.32 20.24
CA PRO C 38 0.59 -11.55 18.99
C PRO C 38 -0.35 -10.36 19.21
N LYS C 39 -0.01 -9.22 18.62
CA LYS C 39 -0.83 -8.03 18.82
C LYS C 39 -2.23 -8.25 18.26
N LYS C 40 -3.22 -8.20 19.13
CA LYS C 40 -4.61 -8.34 18.75
C LYS C 40 -5.35 -7.06 19.08
N CYS C 41 -6.45 -6.82 18.36
CA CYS C 41 -7.18 -5.57 18.52
C CYS C 41 -7.83 -5.52 19.89
N PRO C 42 -7.63 -4.43 20.66
CA PRO C 42 -8.28 -4.34 21.98
C PRO C 42 -9.79 -4.31 21.92
N ILE C 43 -10.38 -4.03 20.77
CA ILE C 43 -11.85 -4.01 20.67
C ILE C 43 -12.39 -5.37 20.23
N CYS C 44 -11.80 -5.98 19.22
CA CYS C 44 -12.41 -7.13 18.58
C CYS C 44 -11.53 -8.38 18.56
N ARG C 45 -10.34 -8.32 19.17
CA ARG C 45 -9.39 -9.42 19.33
C ARG C 45 -8.80 -9.94 18.03
N GLN C 46 -9.14 -9.34 16.89
CA GLN C 46 -8.54 -9.79 15.63
C GLN C 46 -7.07 -9.39 15.57
N ALA C 47 -6.28 -10.22 14.91
CA ALA C 47 -4.87 -9.94 14.73
C ALA C 47 -4.67 -8.57 14.09
N ILE C 48 -3.78 -7.77 14.66
CA ILE C 48 -3.36 -6.52 14.05
C ILE C 48 -2.17 -6.82 13.17
N THR C 49 -2.34 -6.70 11.86
CA THR C 49 -1.27 -6.99 10.93
C THR C 49 -0.89 -5.79 10.08
N ARG C 50 -1.63 -4.68 10.18
CA ARG C 50 -1.28 -3.40 9.57
C ARG C 50 -1.83 -2.29 10.45
N VAL C 51 -1.10 -1.18 10.54
CA VAL C 51 -1.54 -0.01 11.28
C VAL C 51 -1.30 1.21 10.39
N ILE C 52 -2.29 2.10 10.31
CA ILE C 52 -2.08 3.33 9.53
C ILE C 52 -2.42 4.54 10.38
N PRO C 53 -1.70 5.65 10.22
CA PRO C 53 -1.94 6.81 11.07
C PRO C 53 -3.26 7.49 10.73
N LEU C 54 -3.85 8.11 11.75
CA LEU C 54 -5.10 8.83 11.56
C LEU C 54 -4.89 10.11 10.75
N TYR C 55 -3.77 10.79 10.96
CA TYR C 55 -3.44 12.03 10.25
C TYR C 55 -2.63 11.67 9.01
N ASN C 56 -3.27 11.73 7.85
CA ASN C 56 -2.66 11.32 6.60
C ASN C 56 -3.45 11.90 5.44
N SER C 57 -3.16 13.14 5.07
CA SER C 57 -3.84 13.82 3.98
C SER C 57 -2.88 14.74 3.25
N LEU D 3 30.49 2.98 7.16
CA LEU D 3 29.08 3.04 7.53
C LEU D 3 28.33 1.85 6.94
N LYS D 4 27.52 1.18 7.75
CA LYS D 4 26.85 -0.02 7.26
C LYS D 4 25.75 0.32 6.27
N SER D 5 25.17 1.52 6.36
CA SER D 5 24.15 1.91 5.41
C SER D 5 24.73 2.44 4.10
N ALA D 6 26.06 2.50 3.98
CA ALA D 6 26.69 3.24 2.89
C ALA D 6 26.48 2.56 1.54
N CYS D 7 26.18 3.38 0.53
CA CYS D 7 26.16 2.92 -0.86
C CYS D 7 27.46 2.23 -1.21
N VAL D 8 27.37 1.05 -1.84
CA VAL D 8 28.57 0.29 -2.13
C VAL D 8 29.41 0.90 -3.25
N VAL D 9 28.84 1.80 -4.05
CA VAL D 9 29.54 2.35 -5.21
C VAL D 9 30.36 3.57 -4.85
N CYS D 10 29.82 4.45 -4.00
CA CYS D 10 30.55 5.65 -3.60
C CYS D 10 31.00 5.63 -2.15
N LEU D 11 30.43 4.77 -1.32
CA LEU D 11 30.65 4.73 0.14
C LEU D 11 30.63 6.11 0.75
N SER D 12 29.88 7.05 0.14
CA SER D 12 29.77 8.41 0.63
C SER D 12 28.34 8.90 0.73
N SER D 13 27.36 8.05 0.42
CA SER D 13 25.94 8.30 0.59
C SER D 13 25.36 7.01 1.15
N PHE D 14 24.13 7.07 1.69
CA PHE D 14 23.51 5.84 2.16
C PHE D 14 22.72 5.17 1.04
N LYS D 15 22.60 3.84 1.15
CA LYS D 15 21.72 3.07 0.29
C LYS D 15 20.31 3.64 0.30
N SER D 16 19.76 3.88 -0.88
CA SER D 16 18.52 4.64 -0.96
C SER D 16 17.50 4.08 -1.93
N CYS D 17 17.75 2.92 -2.53
CA CYS D 17 16.81 2.42 -3.52
C CYS D 17 16.92 0.91 -3.62
N VAL D 18 15.86 0.31 -4.16
CA VAL D 18 15.74 -1.13 -4.34
C VAL D 18 15.91 -1.44 -5.83
N PHE D 19 16.78 -2.40 -6.14
CA PHE D 19 16.92 -2.89 -7.50
C PHE D 19 15.94 -4.03 -7.74
N LEU D 20 15.21 -3.97 -8.85
CA LEU D 20 14.37 -5.06 -9.33
C LEU D 20 14.92 -5.57 -10.66
N GLU D 21 14.84 -6.87 -10.91
CA GLU D 21 14.05 -7.82 -10.14
C GLU D 21 14.73 -8.44 -8.92
N CYS D 22 16.02 -8.19 -8.69
CA CYS D 22 16.69 -9.03 -7.69
C CYS D 22 16.33 -8.66 -6.27
N GLY D 23 15.93 -7.42 -6.00
CA GLY D 23 15.56 -7.01 -4.65
C GLY D 23 16.71 -6.60 -3.75
N HIS D 24 17.91 -6.43 -4.29
CA HIS D 24 19.03 -5.97 -3.48
C HIS D 24 18.96 -4.47 -3.25
N VAL D 25 19.37 -4.05 -2.06
CA VAL D 25 19.43 -2.64 -1.66
C VAL D 25 20.90 -2.36 -1.39
N CYS D 26 21.57 -1.67 -2.32
CA CYS D 26 23.00 -1.47 -2.20
C CYS D 26 23.51 -0.13 -2.69
N SER D 27 22.66 0.72 -3.27
CA SER D 27 23.15 1.90 -3.98
C SER D 27 22.32 3.12 -3.62
N CYS D 28 22.94 4.30 -3.76
CA CYS D 28 22.18 5.53 -3.90
C CYS D 28 21.76 5.66 -5.38
N THR D 29 20.82 6.58 -5.65
CA THR D 29 20.28 6.64 -7.01
C THR D 29 21.24 7.30 -8.00
N GLU D 30 22.11 8.21 -7.55
CA GLU D 30 23.10 8.78 -8.47
C GLU D 30 24.11 7.73 -8.90
N CYS D 31 24.48 6.83 -7.99
CA CYS D 31 25.40 5.76 -8.36
C CYS D 31 24.73 4.72 -9.24
N TYR D 32 23.44 4.46 -9.02
CA TYR D 32 22.70 3.64 -9.98
C TYR D 32 22.77 4.25 -11.39
N ARG D 33 22.49 5.56 -11.49
CA ARG D 33 22.53 6.24 -12.77
C ARG D 33 23.91 6.12 -13.42
N ALA D 34 24.97 6.14 -12.61
CA ALA D 34 26.32 6.06 -13.14
C ALA D 34 26.71 4.65 -13.56
N LEU D 35 25.92 3.63 -13.21
CA LEU D 35 26.26 2.28 -13.65
C LEU D 35 26.23 2.20 -15.16
N PRO D 36 27.14 1.45 -15.77
CA PRO D 36 27.14 1.32 -17.23
C PRO D 36 25.97 0.48 -17.70
N GLU D 37 25.53 0.76 -18.94
CA GLU D 37 24.47 0.00 -19.59
C GLU D 37 25.03 -1.30 -20.17
N PRO D 38 24.22 -2.38 -20.17
CA PRO D 38 22.92 -2.49 -19.52
C PRO D 38 23.06 -2.56 -18.00
N LYS D 39 22.14 -1.93 -17.29
CA LYS D 39 22.20 -1.86 -15.84
C LYS D 39 22.22 -3.25 -15.23
N LYS D 40 23.25 -3.51 -14.42
CA LYS D 40 23.42 -4.78 -13.73
C LYS D 40 23.64 -4.52 -12.26
N CYS D 41 23.04 -5.35 -11.41
CA CYS D 41 23.19 -5.19 -9.98
C CYS D 41 24.64 -5.45 -9.57
N PRO D 42 25.27 -4.54 -8.82
CA PRO D 42 26.66 -4.79 -8.39
C PRO D 42 26.81 -6.03 -7.53
N ILE D 43 25.75 -6.49 -6.87
CA ILE D 43 25.85 -7.68 -6.02
C ILE D 43 25.75 -8.95 -6.87
N CYS D 44 24.64 -9.13 -7.56
CA CYS D 44 24.30 -10.41 -8.16
C CYS D 44 24.39 -10.43 -9.68
N ARG D 45 24.70 -9.29 -10.31
CA ARG D 45 24.87 -9.13 -11.76
C ARG D 45 23.59 -9.28 -12.56
N GLN D 46 22.45 -9.43 -11.91
CA GLN D 46 21.21 -9.54 -12.66
C GLN D 46 20.85 -8.19 -13.28
N ALA D 47 20.17 -8.25 -14.42
CA ALA D 47 19.64 -7.04 -15.04
C ALA D 47 18.78 -6.27 -14.04
N ILE D 48 18.94 -4.95 -14.05
CA ILE D 48 18.08 -4.04 -13.29
C ILE D 48 17.07 -3.47 -14.27
N THR D 49 15.80 -3.81 -14.08
CA THR D 49 14.75 -3.33 -14.96
C THR D 49 13.85 -2.28 -14.32
N ARG D 50 13.94 -2.10 -13.01
CA ARG D 50 13.10 -1.17 -12.27
C ARG D 50 13.83 -0.81 -10.99
N VAL D 51 13.73 0.46 -10.59
CA VAL D 51 14.36 0.94 -9.37
C VAL D 51 13.29 1.64 -8.53
N ILE D 52 13.21 1.29 -7.26
CA ILE D 52 12.15 1.76 -6.37
C ILE D 52 12.83 2.50 -5.21
N PRO D 53 12.34 3.70 -4.83
CA PRO D 53 12.95 4.39 -3.69
C PRO D 53 12.79 3.60 -2.40
N LEU D 54 13.81 3.66 -1.56
CA LEU D 54 13.76 2.99 -0.26
C LEU D 54 12.76 3.70 0.64
N TYR D 55 11.77 2.95 1.11
CA TYR D 55 10.61 3.55 1.76
C TYR D 55 11.02 4.29 3.03
N ASN D 56 10.51 5.51 3.19
CA ASN D 56 10.81 6.38 4.33
C ASN D 56 12.31 6.70 4.43
N SER D 57 13.02 6.67 3.31
CA SER D 57 14.42 7.11 3.28
C SER D 57 14.91 7.32 1.84
N GLY E 1 8.00 11.26 -1.47
CA GLY E 1 9.33 11.39 -2.02
C GLY E 1 9.35 12.08 -3.38
N SER E 2 10.50 12.64 -3.75
CA SER E 2 10.62 13.27 -5.06
C SER E 2 10.64 12.26 -6.19
N LEU E 3 10.86 10.98 -5.89
CA LEU E 3 10.91 9.95 -6.91
C LEU E 3 9.54 9.43 -7.30
N LYS E 4 8.46 9.87 -6.65
CA LYS E 4 7.14 9.35 -6.95
C LYS E 4 6.73 9.62 -8.40
N SER E 5 7.22 10.72 -8.98
CA SER E 5 6.86 11.07 -10.35
C SER E 5 7.98 10.77 -11.32
N ALA E 6 9.03 10.09 -10.85
CA ALA E 6 10.21 9.82 -11.65
C ALA E 6 10.07 8.50 -12.39
N CYS E 7 10.54 8.47 -13.63
CA CYS E 7 10.67 7.23 -14.38
C CYS E 7 11.46 6.21 -13.57
N VAL E 8 10.91 5.00 -13.46
CA VAL E 8 11.52 3.94 -12.64
C VAL E 8 12.74 3.30 -13.28
N VAL E 9 13.10 3.70 -14.50
CA VAL E 9 14.28 3.16 -15.17
C VAL E 9 15.46 4.11 -15.08
N CYS E 10 15.24 5.41 -15.29
CA CYS E 10 16.35 6.37 -15.28
C CYS E 10 16.33 7.29 -14.08
N LEU E 11 15.20 7.42 -13.39
CA LEU E 11 15.06 8.28 -12.22
C LEU E 11 15.42 9.74 -12.52
N SER E 12 15.47 10.11 -13.79
CA SER E 12 15.93 11.43 -14.20
C SER E 12 14.91 12.23 -14.98
N SER E 13 13.89 11.59 -15.56
CA SER E 13 12.80 12.26 -16.25
C SER E 13 11.48 11.83 -15.61
N PHE E 14 10.44 12.64 -15.82
CA PHE E 14 9.15 12.32 -15.23
C PHE E 14 8.48 11.16 -15.96
N LYS E 15 7.68 10.39 -15.21
CA LYS E 15 6.81 9.41 -15.83
C LYS E 15 5.90 10.10 -16.83
N SER E 16 5.90 9.61 -18.07
CA SER E 16 5.20 10.31 -19.14
C SER E 16 4.43 9.39 -20.08
N CYS E 17 4.52 8.08 -19.90
CA CYS E 17 3.97 7.09 -20.83
C CYS E 17 2.98 6.19 -20.13
N VAL E 18 1.86 5.91 -20.80
CA VAL E 18 0.92 4.88 -20.37
C VAL E 18 1.13 3.66 -21.26
N PHE E 19 1.49 2.54 -20.65
CA PHE E 19 1.68 1.29 -21.37
C PHE E 19 0.33 0.59 -21.57
N LEU E 20 0.09 0.10 -22.78
CA LEU E 20 -0.98 -0.84 -23.04
C LEU E 20 -0.34 -2.16 -23.44
N GLU E 21 -0.91 -3.28 -23.00
CA GLU E 21 -2.23 -3.39 -22.36
C GLU E 21 -2.28 -3.16 -20.85
N CYS E 22 -1.13 -3.24 -20.17
CA CYS E 22 -1.18 -3.38 -18.72
C CYS E 22 -1.66 -2.12 -18.01
N GLY E 23 -1.54 -0.95 -18.64
CA GLY E 23 -2.02 0.28 -18.04
C GLY E 23 -1.06 0.94 -17.06
N HIS E 24 0.11 0.37 -16.83
CA HIS E 24 1.03 0.97 -15.86
C HIS E 24 1.65 2.24 -16.43
N VAL E 25 1.92 3.19 -15.52
CA VAL E 25 2.62 4.42 -15.84
C VAL E 25 3.89 4.43 -14.98
N CYS E 26 5.04 4.28 -15.63
CA CYS E 26 6.28 4.18 -14.88
C CYS E 26 7.52 4.64 -15.64
N SER E 27 7.40 5.03 -16.91
CA SER E 27 8.57 5.26 -17.74
C SER E 27 8.48 6.63 -18.42
N CYS E 28 9.64 7.19 -18.74
CA CYS E 28 9.72 8.33 -19.65
C CYS E 28 9.77 7.79 -21.08
N THR E 29 9.75 8.71 -22.06
CA THR E 29 9.78 8.28 -23.45
C THR E 29 11.15 7.72 -23.83
N GLU E 30 12.24 8.39 -23.40
CA GLU E 30 13.58 7.92 -23.75
C GLU E 30 13.80 6.49 -23.29
N CYS E 31 13.36 6.16 -22.08
CA CYS E 31 13.59 4.82 -21.57
C CYS E 31 12.70 3.81 -22.25
N TYR E 32 11.49 4.21 -22.65
CA TYR E 32 10.64 3.30 -23.40
C TYR E 32 11.29 2.90 -24.71
N ARG E 33 11.83 3.87 -25.44
CA ARG E 33 12.43 3.60 -26.75
C ARG E 33 13.66 2.72 -26.64
N ALA E 34 14.38 2.81 -25.52
CA ALA E 34 15.58 2.03 -25.30
C ALA E 34 15.29 0.63 -24.76
N LEU E 35 14.04 0.33 -24.38
CA LEU E 35 13.74 -0.99 -23.83
C LEU E 35 14.08 -2.06 -24.86
N PRO E 36 14.75 -3.14 -24.47
CA PRO E 36 15.06 -4.21 -25.43
C PRO E 36 13.79 -4.92 -25.89
N GLU E 37 13.87 -5.46 -27.11
CA GLU E 37 12.73 -6.20 -27.66
C GLU E 37 12.78 -7.67 -27.23
N PRO E 38 11.62 -8.27 -26.91
CA PRO E 38 10.31 -7.60 -26.95
C PRO E 38 10.12 -6.72 -25.72
N LYS E 39 9.64 -5.50 -25.93
CA LYS E 39 9.53 -4.54 -24.84
C LYS E 39 8.61 -5.06 -23.75
N LYS E 40 9.08 -5.00 -22.51
CA LYS E 40 8.37 -5.53 -21.35
C LYS E 40 8.21 -4.43 -20.33
N CYS E 41 7.04 -4.38 -19.69
CA CYS E 41 6.77 -3.36 -18.69
C CYS E 41 7.71 -3.53 -17.50
N PRO E 42 8.42 -2.48 -17.08
CA PRO E 42 9.32 -2.61 -15.91
C PRO E 42 8.59 -3.05 -14.65
N ILE E 43 7.30 -2.77 -14.51
CA ILE E 43 6.57 -3.15 -13.31
C ILE E 43 6.06 -4.59 -13.40
N CYS E 44 5.31 -4.92 -14.47
CA CYS E 44 4.61 -6.20 -14.51
C CYS E 44 5.22 -7.21 -15.46
N ARG E 45 6.26 -6.84 -16.21
CA ARG E 45 6.98 -7.68 -17.16
C ARG E 45 6.13 -8.11 -18.37
N GLN E 46 4.84 -7.77 -18.41
CA GLN E 46 4.03 -8.07 -19.58
C GLN E 46 4.51 -7.27 -20.79
N ALA E 47 4.29 -7.82 -21.97
CA ALA E 47 4.71 -7.16 -23.19
C ALA E 47 3.93 -5.88 -23.40
N ILE E 48 4.62 -4.85 -23.91
CA ILE E 48 4.00 -3.56 -24.17
C ILE E 48 3.59 -3.54 -25.63
N THR E 49 2.30 -3.34 -25.88
CA THR E 49 1.78 -3.26 -27.24
C THR E 49 1.64 -1.82 -27.72
N ARG E 50 1.13 -0.93 -26.88
CA ARG E 50 0.90 0.45 -27.27
C ARG E 50 1.38 1.39 -26.16
N VAL E 51 1.70 2.62 -26.54
CA VAL E 51 2.13 3.67 -25.63
C VAL E 51 1.35 4.95 -25.94
N ILE E 52 0.75 5.56 -24.93
CA ILE E 52 -0.01 6.80 -25.11
C ILE E 52 0.31 7.76 -23.97
N PRO E 53 0.12 9.06 -24.19
CA PRO E 53 0.47 10.05 -23.17
C PRO E 53 -0.50 10.07 -21.99
N LEU E 54 -0.13 10.85 -20.97
CA LEU E 54 -0.94 11.06 -19.77
C LEU E 54 -2.10 12.02 -19.99
N TYR E 55 -2.03 12.84 -21.03
CA TYR E 55 -3.10 13.70 -21.49
C TYR E 55 -3.65 13.08 -22.77
N ASN E 56 -4.77 13.60 -23.25
CA ASN E 56 -5.33 13.02 -24.46
C ASN E 56 -4.57 13.51 -25.68
N SER E 57 -4.29 12.58 -26.59
CA SER E 57 -3.72 12.91 -27.89
C SER E 57 -4.82 13.39 -28.85
N LEU F 3 -8.64 24.53 7.69
CA LEU F 3 -8.80 23.68 8.85
C LEU F 3 -8.31 22.23 8.59
N LYS F 4 -7.40 21.75 9.43
CA LYS F 4 -6.67 20.52 9.14
C LYS F 4 -7.54 19.27 9.18
N SER F 5 -8.74 19.36 9.75
CA SER F 5 -9.65 18.22 9.86
C SER F 5 -10.69 18.19 8.74
N ALA F 6 -10.71 19.21 7.88
CA ALA F 6 -11.79 19.34 6.90
C ALA F 6 -11.68 18.28 5.81
N CYS F 7 -12.83 17.78 5.38
CA CYS F 7 -12.88 16.92 4.20
C CYS F 7 -12.25 17.64 3.01
N VAL F 8 -11.39 16.95 2.29
CA VAL F 8 -10.65 17.62 1.22
C VAL F 8 -11.54 17.87 0.01
N VAL F 9 -12.61 17.09 -0.15
CA VAL F 9 -13.44 17.21 -1.34
C VAL F 9 -14.47 18.31 -1.19
N CYS F 10 -15.17 18.36 -0.05
CA CYS F 10 -16.19 19.38 0.06
C CYS F 10 -15.72 20.60 0.85
N LEU F 11 -14.60 20.51 1.58
CA LEU F 11 -14.10 21.59 2.44
C LEU F 11 -15.19 22.13 3.36
N SER F 12 -16.26 21.36 3.56
CA SER F 12 -17.42 21.80 4.30
C SER F 12 -17.86 20.78 5.34
N SER F 13 -17.16 19.65 5.46
CA SER F 13 -17.36 18.66 6.50
C SER F 13 -15.99 18.23 7.00
N PHE F 14 -15.99 17.37 8.02
CA PHE F 14 -14.74 16.83 8.55
C PHE F 14 -14.46 15.46 7.95
N LYS F 15 -13.17 15.11 7.89
CA LYS F 15 -12.77 13.78 7.50
C LYS F 15 -13.48 12.74 8.37
N SER F 16 -13.98 11.68 7.72
CA SER F 16 -14.69 10.65 8.48
C SER F 16 -14.49 9.24 7.96
N CYS F 17 -13.60 9.02 7.01
CA CYS F 17 -13.36 7.64 6.60
C CYS F 17 -11.95 7.49 6.07
N VAL F 18 -11.54 6.23 5.95
CA VAL F 18 -10.21 5.84 5.47
C VAL F 18 -10.36 5.21 4.11
N PHE F 19 -9.56 5.65 3.15
CA PHE F 19 -9.50 5.03 1.83
C PHE F 19 -8.38 3.99 1.82
N LEU F 20 -8.71 2.77 1.40
CA LEU F 20 -7.74 1.70 1.24
C LEU F 20 -7.64 1.35 -0.24
N GLU F 21 -6.45 0.98 -0.70
CA GLU F 21 -5.29 0.67 0.14
C GLU F 21 -4.27 1.80 0.31
N CYS F 22 -4.51 2.96 -0.29
CA CYS F 22 -3.53 4.05 -0.15
C CYS F 22 -3.42 4.54 1.28
N GLY F 23 -4.49 4.43 2.07
CA GLY F 23 -4.44 4.80 3.47
C GLY F 23 -4.83 6.23 3.77
N HIS F 24 -5.11 7.05 2.76
CA HIS F 24 -5.38 8.45 3.04
C HIS F 24 -6.69 8.62 3.81
N VAL F 25 -6.62 9.45 4.84
CA VAL F 25 -7.79 9.83 5.62
C VAL F 25 -8.11 11.26 5.22
N CYS F 26 -9.01 11.42 4.25
CA CYS F 26 -9.16 12.75 3.66
C CYS F 26 -10.59 13.19 3.37
N SER F 27 -11.59 12.32 3.42
CA SER F 27 -12.91 12.67 2.91
C SER F 27 -14.00 12.35 3.94
N CYS F 28 -15.14 13.02 3.79
CA CYS F 28 -16.36 12.56 4.45
C CYS F 28 -17.05 11.52 3.58
N THR F 29 -18.02 10.80 4.15
CA THR F 29 -18.59 9.69 3.38
C THR F 29 -19.52 10.17 2.27
N GLU F 30 -20.19 11.32 2.43
CA GLU F 30 -21.01 11.85 1.34
C GLU F 30 -20.17 12.16 0.11
N CYS F 31 -19.00 12.76 0.31
CA CYS F 31 -18.12 13.01 -0.82
C CYS F 31 -17.58 11.71 -1.43
N TYR F 32 -17.36 10.68 -0.60
CA TYR F 32 -16.99 9.39 -1.16
C TYR F 32 -18.10 8.88 -2.08
N ARG F 33 -19.35 8.96 -1.62
CA ARG F 33 -20.48 8.58 -2.46
C ARG F 33 -20.50 9.40 -3.74
N ALA F 34 -20.12 10.68 -3.67
CA ALA F 34 -20.20 11.57 -4.82
C ALA F 34 -19.08 11.34 -5.83
N LEU F 35 -18.01 10.68 -5.44
CA LEU F 35 -16.91 10.44 -6.36
C LEU F 35 -17.41 9.64 -7.55
N PRO F 36 -16.94 9.94 -8.76
CA PRO F 36 -17.31 9.13 -9.92
C PRO F 36 -16.72 7.74 -9.81
N GLU F 37 -17.32 6.81 -10.55
CA GLU F 37 -16.89 5.42 -10.56
C GLU F 37 -16.06 5.13 -11.79
N PRO F 38 -14.97 4.35 -11.71
CA PRO F 38 -14.49 3.69 -10.49
C PRO F 38 -13.87 4.66 -9.49
N LYS F 39 -14.04 4.36 -8.20
CA LYS F 39 -13.59 5.24 -7.14
C LYS F 39 -12.07 5.30 -7.10
N LYS F 40 -11.55 6.53 -7.07
CA LYS F 40 -10.12 6.78 -6.93
C LYS F 40 -9.91 7.84 -5.86
N CYS F 41 -8.78 7.74 -5.16
CA CYS F 41 -8.50 8.66 -4.08
C CYS F 41 -8.27 10.07 -4.64
N PRO F 42 -8.92 11.09 -4.09
CA PRO F 42 -8.65 12.46 -4.58
C PRO F 42 -7.20 12.86 -4.43
N ILE F 43 -6.50 12.35 -3.42
CA ILE F 43 -5.13 12.75 -3.13
C ILE F 43 -4.16 12.07 -4.09
N CYS F 44 -4.13 10.75 -4.08
CA CYS F 44 -3.08 10.01 -4.78
C CYS F 44 -3.55 9.32 -6.04
N ARG F 45 -4.83 9.40 -6.37
CA ARG F 45 -5.44 8.87 -7.60
C ARG F 45 -5.48 7.36 -7.65
N GLN F 46 -5.07 6.67 -6.59
CA GLN F 46 -5.07 5.23 -6.56
C GLN F 46 -6.50 4.72 -6.35
N ALA F 47 -6.80 3.56 -6.95
CA ALA F 47 -8.09 2.91 -6.80
C ALA F 47 -8.44 2.76 -5.32
N ILE F 48 -9.68 3.09 -4.99
CA ILE F 48 -10.21 2.81 -3.65
C ILE F 48 -10.92 1.46 -3.72
N THR F 49 -10.34 0.44 -3.07
CA THR F 49 -10.95 -0.88 -3.03
C THR F 49 -11.74 -1.15 -1.75
N ARG F 50 -11.57 -0.31 -0.72
CA ARG F 50 -12.24 -0.51 0.54
C ARG F 50 -12.27 0.82 1.28
N VAL F 51 -13.40 1.11 1.93
CA VAL F 51 -13.53 2.30 2.76
C VAL F 51 -13.89 1.87 4.17
N ILE F 52 -13.25 2.51 5.15
CA ILE F 52 -13.50 2.22 6.56
C ILE F 52 -14.12 3.47 7.19
N PRO F 53 -15.36 3.40 7.68
CA PRO F 53 -15.91 4.54 8.40
C PRO F 53 -15.23 4.71 9.74
N LEU F 54 -14.99 5.96 10.12
CA LEU F 54 -14.18 6.27 11.29
C LEU F 54 -14.97 6.33 12.59
N TYR F 55 -16.18 6.89 12.55
CA TYR F 55 -16.97 7.17 13.76
C TYR F 55 -18.28 6.41 13.69
N ASN F 56 -18.50 5.50 14.63
CA ASN F 56 -19.58 4.53 14.52
C ASN F 56 -20.44 4.47 15.79
N SER F 57 -20.70 5.61 16.43
CA SER F 57 -21.52 5.64 17.65
C SER F 57 -23.02 5.56 17.34
ZN ZN G . -21.53 -2.18 -2.26
ZN ZN H . -11.33 -12.13 1.89
S SO4 I . -4.44 -15.21 -4.05
O1 SO4 I . -4.31 -14.22 -2.98
O2 SO4 I . -5.84 -15.64 -4.17
O3 SO4 I . -4.03 -14.62 -5.33
O4 SO4 I . -3.60 -16.36 -3.74
S SO4 J . -3.37 -6.15 -6.90
O1 SO4 J . -3.39 -5.31 -5.70
O2 SO4 J . -4.61 -6.92 -7.00
O3 SO4 J . -3.25 -5.30 -8.09
O4 SO4 J . -2.22 -7.06 -6.82
ZN ZN K . 7.39 -5.16 12.82
ZN ZN L . 4.27 -3.09 -1.47
S SO4 M . 12.52 -8.61 14.44
O1 SO4 M . 11.78 -7.37 14.69
O2 SO4 M . 12.53 -9.35 15.69
O3 SO4 M . 13.87 -8.25 13.98
O4 SO4 M . 11.86 -9.38 13.37
S SO4 N . 9.66 0.79 21.74
O1 SO4 N . 10.16 1.62 22.86
O2 SO4 N . 8.27 0.43 21.99
O3 SO4 N . 9.78 1.53 20.47
O4 SO4 N . 10.45 -0.44 21.68
ZN ZN O . -2.68 5.01 25.05
ZN ZN P . -10.69 -4.54 15.85
S SO4 Q . -6.09 11.59 32.99
O1 SO4 Q . -6.82 12.63 32.25
O2 SO4 Q . -6.54 11.60 34.39
O3 SO4 Q . -4.66 11.89 32.92
O4 SO4 Q . -6.31 10.27 32.43
ZN ZN R . 26.50 6.17 -4.13
ZN ZN S . 21.12 -7.96 -7.06
ZN ZN T . 13.50 7.14 -18.03
ZN ZN U . 2.80 -3.26 -16.60
S SO4 V . 12.08 -11.43 -17.54
O1 SO4 V . 12.41 -10.88 -16.21
O2 SO4 V . 10.63 -11.36 -17.75
O3 SO4 V . 12.74 -10.67 -18.60
O4 SO4 V . 12.54 -12.81 -17.59
ZN ZN W . -16.90 16.08 2.02
ZN ZN X . -4.76 8.15 -1.55
#